data_7C7Y
#
_entry.id   7C7Y
#
_cell.length_a   27.053
_cell.length_b   40.282
_cell.length_c   80.669
_cell.angle_alpha   101.97
_cell.angle_beta   94.22
_cell.angle_gamma   98.52
#
_symmetry.space_group_name_H-M   'P 1'
#
loop_
_entity.id
_entity.type
_entity.pdbx_description
1 polymer 'Uncharacterized protein'
2 water water
#
_entity_poly.entity_id   1
_entity_poly.type   'polypeptide(L)'
_entity_poly.pdbx_seq_one_letter_code
;GSH(MSE)QQVNPDFIEALTEKITEEVTAKVTEELTKQN(MSE)EFFAAVAKQSQDNFDRINKRLEERDEKL(MSE)STI
RLIQEQKSANAQ
;
_entity_poly.pdbx_strand_id   A,B,C,D
#
# COMPACT_ATOMS: atom_id res chain seq x y z
N ASN A 8 17.90 39.09 20.27
CA ASN A 8 18.80 37.91 20.54
C ASN A 8 17.96 36.63 20.49
N PRO A 9 17.46 35.98 21.58
CA PRO A 9 16.77 34.71 21.41
C PRO A 9 15.72 34.82 20.29
N ASP A 10 14.90 35.88 20.35
CA ASP A 10 13.91 36.24 19.30
C ASP A 10 14.55 36.02 17.92
N PHE A 11 15.81 36.43 17.73
CA PHE A 11 16.51 36.32 16.43
C PHE A 11 16.73 34.83 16.10
N ILE A 12 17.38 34.12 17.00
CA ILE A 12 17.59 32.64 16.98
C ILE A 12 16.26 31.94 16.66
N GLU A 13 15.23 32.33 17.40
CA GLU A 13 13.85 31.80 17.31
C GLU A 13 13.31 32.06 15.90
N ALA A 14 13.70 33.19 15.28
CA ALA A 14 13.16 33.63 13.98
C ALA A 14 13.87 32.84 12.89
N LEU A 15 15.20 32.79 12.93
CA LEU A 15 15.99 31.94 12.01
C LEU A 15 15.45 30.52 12.11
N THR A 16 15.17 30.03 13.32
CA THR A 16 14.80 28.61 13.48
C THR A 16 13.44 28.39 12.81
N GLU A 17 12.45 29.26 13.03
CA GLU A 17 11.10 29.08 12.39
C GLU A 17 11.22 29.20 10.86
N LYS A 18 12.12 30.04 10.38
CA LYS A 18 12.28 30.19 8.92
C LYS A 18 12.86 28.90 8.34
N ILE A 19 14.06 28.52 8.76
CA ILE A 19 14.68 27.25 8.29
C ILE A 19 13.60 26.15 8.39
N THR A 20 13.01 25.97 9.56
CA THR A 20 12.09 24.84 9.85
C THR A 20 10.99 24.76 8.80
N GLU A 21 10.47 25.89 8.35
CA GLU A 21 9.30 25.96 7.45
C GLU A 21 9.76 25.76 6.01
N GLU A 22 10.87 26.36 5.61
CA GLU A 22 11.45 26.17 4.25
C GLU A 22 11.66 24.66 4.01
N VAL A 23 12.31 23.99 4.95
CA VAL A 23 12.66 22.55 4.83
C VAL A 23 11.34 21.76 4.74
N THR A 24 10.49 21.89 5.75
CA THR A 24 9.20 21.15 5.88
C THR A 24 8.39 21.25 4.57
N ALA A 25 8.09 22.46 4.14
CA ALA A 25 7.30 22.72 2.92
C ALA A 25 7.92 21.93 1.74
N LYS A 26 9.22 22.05 1.54
CA LYS A 26 9.95 21.33 0.46
C LYS A 26 9.84 19.81 0.67
N VAL A 27 10.04 19.33 1.88
CA VAL A 27 10.07 17.86 2.08
C VAL A 27 8.65 17.33 1.83
N THR A 28 7.63 17.89 2.48
CA THR A 28 6.22 17.38 2.41
C THR A 28 5.70 17.50 0.96
N GLU A 29 5.93 18.65 0.31
CA GLU A 29 5.62 18.85 -1.12
C GLU A 29 6.28 17.76 -1.96
N GLU A 30 7.30 17.10 -1.42
CA GLU A 30 7.99 16.02 -2.17
C GLU A 30 7.33 14.69 -1.83
N LEU A 31 7.11 14.39 -0.55
CA LEU A 31 6.59 13.07 -0.13
C LEU A 31 5.12 12.96 -0.54
N THR A 32 4.45 14.10 -0.77
CA THR A 32 3.04 14.19 -1.25
C THR A 32 2.98 13.75 -2.71
N LYS A 33 3.68 14.48 -3.60
CA LYS A 33 3.77 14.19 -5.05
C LYS A 33 4.17 12.72 -5.23
N GLN A 34 5.09 12.22 -4.39
CA GLN A 34 5.54 10.80 -4.38
C GLN A 34 4.35 9.87 -4.09
N ASN A 35 3.70 10.06 -2.94
CA ASN A 35 2.50 9.29 -2.48
C ASN A 35 1.36 9.36 -3.52
N MSE A 36 1.23 10.47 -4.27
CA MSE A 36 0.23 10.67 -5.37
C MSE A 36 0.49 9.66 -6.49
O MSE A 36 -0.46 8.99 -6.90
CB MSE A 36 0.31 12.08 -5.96
CG MSE A 36 -0.30 13.18 -5.11
SE MSE A 36 -2.24 13.00 -4.98
CE MSE A 36 -2.70 11.67 -3.59
N GLU A 37 1.72 9.60 -7.01
CA GLU A 37 2.18 8.60 -8.02
C GLU A 37 1.81 7.19 -7.54
N PHE A 38 2.32 6.78 -6.37
CA PHE A 38 2.16 5.41 -5.85
C PHE A 38 0.65 5.10 -5.75
N PHE A 39 -0.12 5.96 -5.09
CA PHE A 39 -1.59 5.81 -4.98
C PHE A 39 -2.14 5.52 -6.39
N ALA A 40 -1.89 6.45 -7.32
CA ALA A 40 -2.39 6.40 -8.71
C ALA A 40 -1.98 5.08 -9.37
N ALA A 41 -0.79 4.57 -9.05
CA ALA A 41 -0.23 3.35 -9.65
C ALA A 41 -0.84 2.10 -9.02
N VAL A 42 -1.16 2.11 -7.73
CA VAL A 42 -1.74 0.93 -7.01
C VAL A 42 -3.19 0.80 -7.47
N ALA A 43 -3.85 1.92 -7.78
CA ALA A 43 -5.22 1.96 -8.31
C ALA A 43 -5.22 1.26 -9.67
N LYS A 44 -4.34 1.67 -10.60
CA LYS A 44 -4.31 1.12 -11.98
C LYS A 44 -4.01 -0.38 -11.89
N GLN A 45 -2.99 -0.75 -11.12
CA GLN A 45 -2.67 -2.18 -10.81
C GLN A 45 -3.92 -2.92 -10.27
N SER A 46 -4.64 -2.33 -9.31
CA SER A 46 -5.84 -2.90 -8.64
C SER A 46 -6.93 -3.18 -9.68
N GLN A 47 -7.21 -2.20 -10.56
CA GLN A 47 -8.29 -2.27 -11.58
C GLN A 47 -7.87 -3.28 -12.67
N ASP A 48 -6.63 -3.15 -13.17
CA ASP A 48 -6.06 -4.06 -14.19
C ASP A 48 -6.23 -5.50 -13.71
N ASN A 49 -5.93 -5.75 -12.43
CA ASN A 49 -5.97 -7.11 -11.83
C ASN A 49 -7.42 -7.54 -11.69
N PHE A 50 -8.34 -6.59 -11.54
CA PHE A 50 -9.78 -6.88 -11.45
C PHE A 50 -10.27 -7.33 -12.83
N ASP A 51 -9.81 -6.63 -13.86
CA ASP A 51 -10.26 -6.85 -15.26
C ASP A 51 -9.84 -8.27 -15.65
N ARG A 52 -8.62 -8.67 -15.33
CA ARG A 52 -8.09 -10.05 -15.54
C ARG A 52 -9.00 -11.06 -14.86
N ILE A 53 -9.14 -11.01 -13.54
CA ILE A 53 -9.93 -11.99 -12.74
C ILE A 53 -11.33 -12.09 -13.34
N ASN A 54 -11.90 -10.98 -13.83
CA ASN A 54 -13.30 -10.97 -14.34
C ASN A 54 -13.37 -11.74 -15.66
N LYS A 55 -12.58 -11.34 -16.65
CA LYS A 55 -12.42 -12.08 -17.92
C LYS A 55 -12.35 -13.55 -17.53
N ARG A 56 -11.39 -13.89 -16.68
CA ARG A 56 -11.12 -15.33 -16.41
C ARG A 56 -12.38 -16.01 -15.86
N LEU A 57 -13.18 -15.30 -15.07
CA LEU A 57 -14.44 -15.87 -14.53
C LEU A 57 -15.44 -16.03 -15.68
N GLU A 58 -15.48 -15.06 -16.61
CA GLU A 58 -16.38 -15.13 -17.79
C GLU A 58 -16.03 -16.42 -18.52
N GLU A 59 -14.76 -16.60 -18.87
CA GLU A 59 -14.23 -17.78 -19.63
C GLU A 59 -14.69 -19.06 -18.92
N ARG A 60 -14.63 -19.12 -17.59
CA ARG A 60 -14.98 -20.36 -16.83
C ARG A 60 -16.50 -20.53 -16.71
N ASP A 61 -17.28 -19.46 -16.58
CA ASP A 61 -18.76 -19.52 -16.74
C ASP A 61 -19.14 -20.08 -18.15
N GLU A 62 -18.52 -19.63 -19.23
CA GLU A 62 -18.80 -20.16 -20.59
C GLU A 62 -18.52 -21.67 -20.61
N LYS A 63 -17.29 -22.06 -20.31
CA LYS A 63 -16.91 -23.49 -20.24
C LYS A 63 -17.98 -24.23 -19.44
N LEU A 64 -18.33 -23.72 -18.26
CA LEU A 64 -19.36 -24.33 -17.38
C LEU A 64 -20.68 -24.52 -18.16
N MSE A 65 -21.22 -23.47 -18.76
CA MSE A 65 -22.52 -23.56 -19.47
C MSE A 65 -22.36 -24.55 -20.62
O MSE A 65 -23.24 -25.34 -20.77
CB MSE A 65 -23.00 -22.22 -20.03
CG MSE A 65 -24.08 -21.52 -19.23
SE MSE A 65 -25.60 -22.65 -18.65
CE MSE A 65 -25.88 -23.94 -20.09
N SER A 66 -21.30 -24.46 -21.41
CA SER A 66 -21.01 -25.46 -22.48
C SER A 66 -21.18 -26.85 -21.88
N THR A 67 -20.58 -27.10 -20.72
CA THR A 67 -20.59 -28.44 -20.08
C THR A 67 -22.03 -28.82 -19.67
N ILE A 68 -22.71 -27.95 -18.92
CA ILE A 68 -24.07 -28.23 -18.38
C ILE A 68 -25.03 -28.33 -19.57
N ARG A 69 -24.63 -27.84 -20.75
CA ARG A 69 -25.43 -27.90 -22.00
C ARG A 69 -25.25 -29.27 -22.66
N LEU A 70 -24.03 -29.81 -22.67
CA LEU A 70 -23.71 -31.17 -23.18
C LEU A 70 -24.31 -32.26 -22.25
N ILE A 71 -24.07 -32.19 -20.94
CA ILE A 71 -24.64 -33.16 -19.95
C ILE A 71 -26.13 -33.32 -20.27
N GLN A 72 -26.78 -32.21 -20.58
CA GLN A 72 -28.21 -32.15 -20.95
C GLN A 72 -28.46 -32.89 -22.27
N GLU A 73 -27.64 -32.66 -23.29
CA GLU A 73 -27.72 -33.39 -24.58
C GLU A 73 -27.05 -34.76 -24.42
N ASN B 8 30.89 33.27 18.11
CA ASN B 8 30.35 33.25 19.51
C ASN B 8 29.79 31.86 19.80
N PRO B 9 30.53 31.02 20.56
CA PRO B 9 30.18 29.62 20.78
C PRO B 9 28.77 29.43 21.36
N ASP B 10 28.41 30.27 22.33
CA ASP B 10 27.09 30.17 22.98
C ASP B 10 26.01 30.41 21.94
N PHE B 11 26.21 31.38 21.06
CA PHE B 11 25.22 31.71 20.01
C PHE B 11 25.12 30.54 19.03
N ILE B 12 26.25 30.11 18.48
CA ILE B 12 26.28 28.98 17.51
C ILE B 12 25.62 27.76 18.16
N GLU B 13 25.98 27.43 19.40
CA GLU B 13 25.45 26.26 20.13
C GLU B 13 23.94 26.38 20.15
N ALA B 14 23.48 27.48 20.73
CA ALA B 14 22.07 27.80 20.95
C ALA B 14 21.33 27.59 19.64
N LEU B 15 21.87 28.14 18.54
CA LEU B 15 21.23 28.12 17.19
C LEU B 15 21.23 26.67 16.67
N THR B 16 22.33 25.97 16.86
CA THR B 16 22.47 24.57 16.40
C THR B 16 21.42 23.70 17.10
N GLU B 17 21.31 23.80 18.41
CA GLU B 17 20.34 22.96 19.15
C GLU B 17 18.95 23.23 18.59
N LYS B 18 18.51 24.48 18.55
CA LYS B 18 17.10 24.81 18.26
C LYS B 18 16.73 24.31 16.85
N ILE B 19 17.56 24.63 15.84
CA ILE B 19 17.34 24.21 14.42
C ILE B 19 17.06 22.70 14.40
N THR B 20 17.88 21.90 15.10
CA THR B 20 17.86 20.42 15.02
C THR B 20 16.60 19.87 15.69
N GLU B 21 16.34 20.25 16.94
CA GLU B 21 15.05 19.98 17.63
C GLU B 21 13.87 20.35 16.69
N GLU B 22 13.78 21.61 16.29
CA GLU B 22 12.61 22.17 15.58
C GLU B 22 12.45 21.51 14.21
N VAL B 23 13.52 21.40 13.42
CA VAL B 23 13.37 20.85 12.04
C VAL B 23 12.89 19.41 12.20
N THR B 24 13.57 18.65 13.05
CA THR B 24 13.19 17.24 13.35
C THR B 24 11.73 17.14 13.79
N ALA B 25 11.38 17.79 14.90
CA ALA B 25 9.97 17.83 15.39
C ALA B 25 9.02 18.19 14.23
N LYS B 26 9.24 19.29 13.54
CA LYS B 26 8.26 19.80 12.54
C LYS B 26 8.14 18.76 11.40
N VAL B 27 9.26 18.20 10.93
CA VAL B 27 9.27 17.28 9.76
C VAL B 27 8.57 15.96 10.16
N THR B 28 9.09 15.26 11.17
CA THR B 28 8.48 14.00 11.67
C THR B 28 6.96 14.16 11.70
N GLU B 29 6.47 15.20 12.37
CA GLU B 29 5.03 15.48 12.57
C GLU B 29 4.29 15.58 11.24
N GLU B 30 4.82 16.34 10.27
CA GLU B 30 4.14 16.54 8.97
C GLU B 30 4.09 15.19 8.24
N LEU B 31 5.23 14.53 8.07
CA LEU B 31 5.28 13.21 7.40
C LEU B 31 4.33 12.22 8.09
N THR B 32 4.38 12.08 9.41
CA THR B 32 3.38 11.30 10.19
C THR B 32 2.00 11.63 9.62
N LYS B 33 1.62 12.91 9.65
CA LYS B 33 0.27 13.41 9.26
C LYS B 33 0.00 12.98 7.82
N GLN B 34 0.97 13.22 6.93
CA GLN B 34 0.87 12.89 5.49
C GLN B 34 0.67 11.38 5.32
N ASN B 35 1.41 10.59 6.09
CA ASN B 35 1.42 9.10 6.06
C ASN B 35 0.08 8.51 6.48
N MSE B 36 -0.50 9.01 7.57
CA MSE B 36 -1.84 8.56 8.05
C MSE B 36 -2.84 8.76 6.93
O MSE B 36 -3.48 7.78 6.51
CB MSE B 36 -2.22 9.38 9.29
CG MSE B 36 -1.41 9.07 10.51
SE MSE B 36 -2.35 9.70 12.11
CE MSE B 36 -2.38 8.25 13.43
N GLU B 37 -2.96 10.00 6.43
CA GLU B 37 -3.84 10.36 5.28
C GLU B 37 -3.52 9.42 4.12
N PHE B 38 -2.24 9.18 3.85
CA PHE B 38 -1.77 8.34 2.71
C PHE B 38 -2.06 6.86 2.95
N PHE B 39 -1.76 6.31 4.14
CA PHE B 39 -1.91 4.87 4.45
C PHE B 39 -3.40 4.51 4.36
N ALA B 40 -4.23 5.29 5.06
CA ALA B 40 -5.71 5.15 5.03
C ALA B 40 -6.21 4.91 3.59
N ALA B 41 -5.73 5.67 2.60
CA ALA B 41 -6.22 5.64 1.20
C ALA B 41 -5.71 4.40 0.46
N VAL B 42 -4.51 3.92 0.77
CA VAL B 42 -4.03 2.60 0.27
C VAL B 42 -4.98 1.53 0.85
N ALA B 43 -5.19 1.55 2.16
CA ALA B 43 -5.95 0.52 2.90
C ALA B 43 -7.42 0.46 2.44
N LYS B 44 -8.05 1.58 2.08
CA LYS B 44 -9.50 1.62 1.69
C LYS B 44 -9.63 1.12 0.25
N GLN B 45 -8.77 1.62 -0.63
CA GLN B 45 -8.67 1.15 -2.02
C GLN B 45 -8.45 -0.37 -2.01
N SER B 46 -7.57 -0.84 -1.13
CA SER B 46 -7.30 -2.29 -0.97
C SER B 46 -8.63 -2.99 -0.65
N GLN B 47 -9.30 -2.66 0.48
CA GLN B 47 -10.55 -3.36 0.92
C GLN B 47 -11.66 -3.12 -0.10
N ASP B 48 -11.74 -1.95 -0.72
CA ASP B 48 -12.78 -1.72 -1.77
C ASP B 48 -12.56 -2.74 -2.89
N ASN B 49 -11.30 -3.11 -3.15
CA ASN B 49 -10.97 -4.05 -4.25
C ASN B 49 -11.37 -5.48 -3.83
N PHE B 50 -11.01 -5.88 -2.60
CA PHE B 50 -11.42 -7.17 -1.99
C PHE B 50 -12.95 -7.31 -1.94
N ASP B 51 -13.68 -6.29 -1.46
CA ASP B 51 -15.16 -6.28 -1.48
C ASP B 51 -15.62 -6.56 -2.91
N ARG B 52 -15.08 -5.79 -3.86
CA ARG B 52 -15.29 -5.91 -5.33
C ARG B 52 -15.22 -7.39 -5.72
N ILE B 53 -14.10 -8.08 -5.41
CA ILE B 53 -13.93 -9.53 -5.76
C ILE B 53 -15.07 -10.31 -5.10
N ASN B 54 -15.13 -10.26 -3.77
CA ASN B 54 -16.16 -10.91 -2.93
C ASN B 54 -17.56 -10.76 -3.54
N LYS B 55 -18.08 -9.56 -3.73
CA LYS B 55 -19.48 -9.46 -4.25
C LYS B 55 -19.59 -10.16 -5.62
N ARG B 56 -18.50 -10.22 -6.38
CA ARG B 56 -18.47 -10.89 -7.70
C ARG B 56 -18.50 -12.41 -7.49
N LEU B 57 -17.72 -12.91 -6.56
CA LEU B 57 -17.71 -14.36 -6.31
C LEU B 57 -19.06 -14.78 -5.72
N GLU B 58 -19.61 -13.98 -4.79
CA GLU B 58 -20.93 -14.28 -4.16
C GLU B 58 -21.93 -14.45 -5.30
N GLU B 59 -22.02 -13.47 -6.21
CA GLU B 59 -22.96 -13.48 -7.36
C GLU B 59 -22.63 -14.65 -8.32
N ARG B 60 -21.36 -14.86 -8.68
CA ARG B 60 -20.93 -16.02 -9.53
C ARG B 60 -21.52 -17.33 -8.97
N ASP B 61 -20.98 -17.80 -7.84
CA ASP B 61 -21.40 -19.01 -7.09
C ASP B 61 -22.93 -19.12 -7.02
N GLU B 62 -23.64 -18.04 -6.69
CA GLU B 62 -25.13 -18.02 -6.63
C GLU B 62 -25.71 -18.38 -8.01
N LYS B 63 -25.20 -17.81 -9.10
CA LYS B 63 -25.75 -18.09 -10.46
C LYS B 63 -25.43 -19.54 -10.81
N LEU B 64 -24.20 -19.97 -10.58
CA LEU B 64 -23.74 -21.35 -10.90
C LEU B 64 -24.67 -22.33 -10.17
N MSE B 65 -24.91 -22.10 -8.88
CA MSE B 65 -25.83 -22.90 -8.03
C MSE B 65 -27.23 -22.95 -8.67
O MSE B 65 -27.74 -24.08 -8.82
CB MSE B 65 -25.92 -22.32 -6.61
CG MSE B 65 -26.29 -23.35 -5.56
SE MSE B 65 -25.03 -24.86 -5.60
CE MSE B 65 -23.22 -24.12 -5.74
N SER B 66 -27.79 -21.79 -9.03
CA SER B 66 -29.18 -21.65 -9.56
C SER B 66 -29.27 -22.42 -10.86
N THR B 67 -28.30 -22.26 -11.74
CA THR B 67 -28.26 -23.01 -13.02
C THR B 67 -28.41 -24.50 -12.73
N ILE B 68 -27.44 -25.11 -12.05
CA ILE B 68 -27.39 -26.58 -11.80
C ILE B 68 -28.75 -27.04 -11.28
N ARG B 69 -29.28 -26.43 -10.22
CA ARG B 69 -30.60 -26.78 -9.64
C ARG B 69 -31.73 -26.64 -10.68
N LEU B 70 -31.82 -25.52 -11.41
CA LEU B 70 -32.86 -25.27 -12.44
C LEU B 70 -32.76 -26.30 -13.57
N ILE B 71 -31.53 -26.56 -14.04
CA ILE B 71 -31.28 -27.38 -15.26
C ILE B 71 -31.44 -28.86 -14.91
N GLN B 72 -30.93 -29.32 -13.77
CA GLN B 72 -30.69 -30.78 -13.47
C GLN B 72 -31.55 -31.31 -12.31
N GLU B 73 -32.08 -30.45 -11.45
CA GLU B 73 -32.90 -30.86 -10.27
C GLU B 73 -34.39 -30.76 -10.60
N ASN C 8 36.12 29.77 8.84
CA ASN C 8 36.50 28.69 7.86
C ASN C 8 35.22 28.11 7.24
N PRO C 9 35.19 27.83 5.93
CA PRO C 9 34.07 27.08 5.36
C PRO C 9 34.08 25.65 5.92
N ASP C 10 35.25 25.13 6.33
CA ASP C 10 35.36 23.84 7.06
C ASP C 10 34.41 23.86 8.25
N PHE C 11 34.40 24.92 9.05
CA PHE C 11 33.49 25.01 10.22
C PHE C 11 32.02 25.00 9.77
N ILE C 12 31.68 25.71 8.69
CA ILE C 12 30.28 25.75 8.14
C ILE C 12 29.90 24.37 7.58
N GLU C 13 30.71 23.85 6.65
CA GLU C 13 30.54 22.50 6.07
C GLU C 13 30.26 21.54 7.22
N ALA C 14 31.13 21.55 8.25
CA ALA C 14 31.10 20.56 9.35
C ALA C 14 29.80 20.75 10.13
N LEU C 15 29.55 21.94 10.63
CA LEU C 15 28.33 22.20 11.43
C LEU C 15 27.07 21.79 10.64
N THR C 16 27.01 22.09 9.35
CA THR C 16 25.82 21.75 8.54
C THR C 16 25.65 20.22 8.54
N GLU C 17 26.71 19.48 8.23
CA GLU C 17 26.65 18.01 8.06
C GLU C 17 26.20 17.39 9.37
N LYS C 18 26.76 17.84 10.49
CA LYS C 18 26.28 17.41 11.83
C LYS C 18 24.77 17.55 11.84
N ILE C 19 24.24 18.72 11.44
CA ILE C 19 22.79 18.99 11.60
C ILE C 19 22.03 18.12 10.61
N THR C 20 22.49 18.08 9.36
CA THR C 20 21.89 17.25 8.30
C THR C 20 21.81 15.79 8.76
N GLU C 21 22.86 15.26 9.37
CA GLU C 21 22.94 13.83 9.77
C GLU C 21 21.91 13.58 10.86
N GLU C 22 21.96 14.34 11.94
CA GLU C 22 21.01 14.14 13.06
C GLU C 22 19.57 14.17 12.52
N VAL C 23 19.21 15.22 11.79
CA VAL C 23 17.81 15.42 11.34
C VAL C 23 17.42 14.22 10.47
N THR C 24 18.24 13.95 9.45
CA THR C 24 18.06 12.75 8.58
C THR C 24 17.88 11.49 9.44
N ALA C 25 18.84 11.15 10.26
CA ALA C 25 18.77 9.91 11.06
C ALA C 25 17.40 9.79 11.72
N LYS C 26 17.05 10.79 12.52
CA LYS C 26 15.86 10.69 13.39
C LYS C 26 14.59 10.77 12.53
N VAL C 27 14.61 11.48 11.41
CA VAL C 27 13.41 11.53 10.51
C VAL C 27 13.22 10.13 9.89
N THR C 28 14.28 9.55 9.32
CA THR C 28 14.17 8.30 8.51
C THR C 28 13.88 7.14 9.44
N GLU C 29 14.37 7.20 10.67
CA GLU C 29 14.09 6.15 11.67
C GLU C 29 12.58 6.07 11.89
N GLU C 30 11.95 7.20 12.16
CA GLU C 30 10.50 7.29 12.45
C GLU C 30 9.70 6.86 11.23
N LEU C 31 10.15 7.20 10.03
CA LEU C 31 9.34 6.93 8.81
C LEU C 31 9.46 5.45 8.47
N THR C 32 10.60 4.85 8.82
CA THR C 32 10.84 3.38 8.73
C THR C 32 9.85 2.68 9.66
N LYS C 33 9.76 3.09 10.94
CA LYS C 33 8.90 2.39 11.92
C LYS C 33 7.46 2.47 11.40
N GLN C 34 7.04 3.62 10.86
CA GLN C 34 5.64 3.80 10.40
C GLN C 34 5.38 2.90 9.18
N ASN C 35 6.35 2.80 8.27
CA ASN C 35 6.27 1.94 7.07
C ASN C 35 6.20 0.46 7.47
N MSE C 36 6.96 0.02 8.48
CA MSE C 36 6.95 -1.39 8.99
C MSE C 36 5.51 -1.69 9.42
O MSE C 36 4.90 -2.59 8.80
CB MSE C 36 7.90 -1.62 10.18
CG MSE C 36 9.39 -1.56 9.84
SE MSE C 36 10.62 -2.13 11.30
CE MSE C 36 11.72 -3.61 10.62
N GLU C 37 5.00 -0.93 10.39
CA GLU C 37 3.65 -1.05 10.98
C GLU C 37 2.62 -1.14 9.86
N PHE C 38 2.68 -0.25 8.86
CA PHE C 38 1.76 -0.30 7.72
C PHE C 38 1.93 -1.62 6.94
N PHE C 39 3.15 -2.10 6.72
CA PHE C 39 3.41 -3.35 5.97
C PHE C 39 2.76 -4.53 6.69
N ALA C 40 3.02 -4.69 7.98
CA ALA C 40 2.46 -5.77 8.86
C ALA C 40 0.93 -5.76 8.80
N ALA C 41 0.31 -4.59 9.02
CA ALA C 41 -1.16 -4.36 9.00
C ALA C 41 -1.76 -4.68 7.62
N VAL C 42 -1.09 -4.33 6.50
CA VAL C 42 -1.59 -4.70 5.14
C VAL C 42 -1.53 -6.22 4.96
N ALA C 43 -0.48 -6.90 5.44
CA ALA C 43 -0.34 -8.37 5.36
C ALA C 43 -1.50 -9.01 6.10
N LYS C 44 -1.71 -8.59 7.35
CA LYS C 44 -2.84 -9.00 8.22
C LYS C 44 -4.11 -8.86 7.36
N GLN C 45 -4.43 -7.63 6.92
CA GLN C 45 -5.55 -7.34 5.97
C GLN C 45 -5.60 -8.38 4.84
N SER C 46 -4.46 -8.74 4.23
CA SER C 46 -4.39 -9.65 3.05
C SER C 46 -4.76 -11.08 3.45
N GLN C 47 -4.09 -11.67 4.46
CA GLN C 47 -4.50 -12.99 5.03
C GLN C 47 -6.00 -12.98 5.37
N ASP C 48 -6.49 -12.05 6.19
CA ASP C 48 -7.93 -12.02 6.56
C ASP C 48 -8.76 -12.10 5.28
N ASN C 49 -8.38 -11.35 4.25
CA ASN C 49 -9.04 -11.37 2.92
C ASN C 49 -8.97 -12.78 2.31
N PHE C 50 -7.80 -13.41 2.30
CA PHE C 50 -7.64 -14.76 1.70
C PHE C 50 -8.49 -15.77 2.47
N ASP C 51 -8.37 -15.77 3.79
CA ASP C 51 -9.14 -16.67 4.69
C ASP C 51 -10.63 -16.51 4.36
N ARG C 52 -11.18 -15.30 4.39
CA ARG C 52 -12.62 -15.12 4.06
C ARG C 52 -12.94 -15.83 2.74
N ILE C 53 -12.11 -15.63 1.70
CA ILE C 53 -12.34 -16.17 0.33
C ILE C 53 -12.30 -17.70 0.36
N ASN C 54 -11.32 -18.30 1.04
CA ASN C 54 -11.15 -19.77 1.04
C ASN C 54 -12.34 -20.42 1.76
N LYS C 55 -12.90 -19.76 2.78
CA LYS C 55 -14.16 -20.22 3.43
C LYS C 55 -15.28 -20.18 2.40
N ARG C 56 -15.44 -19.08 1.67
CA ARG C 56 -16.48 -18.97 0.61
C ARG C 56 -16.37 -20.17 -0.31
N LEU C 57 -15.15 -20.56 -0.68
CA LEU C 57 -14.97 -21.64 -1.69
C LEU C 57 -15.36 -22.99 -1.08
N GLU C 58 -14.86 -23.26 0.12
CA GLU C 58 -15.29 -24.43 0.95
C GLU C 58 -16.82 -24.53 1.00
N GLU C 59 -17.51 -23.50 1.48
CA GLU C 59 -19.00 -23.56 1.59
C GLU C 59 -19.55 -23.89 0.20
N ARG C 60 -19.09 -23.19 -0.84
CA ARG C 60 -19.57 -23.32 -2.23
C ARG C 60 -19.27 -24.72 -2.74
N ASP C 61 -18.06 -25.25 -2.56
CA ASP C 61 -17.73 -26.63 -3.02
C ASP C 61 -18.67 -27.62 -2.32
N GLU C 62 -18.81 -27.53 -1.00
CA GLU C 62 -19.73 -28.37 -0.19
C GLU C 62 -21.15 -28.30 -0.75
N LYS C 63 -21.76 -27.11 -0.79
CA LYS C 63 -23.14 -26.93 -1.30
C LYS C 63 -23.23 -27.50 -2.71
N LEU C 64 -22.19 -27.34 -3.52
CA LEU C 64 -22.23 -27.88 -4.88
C LEU C 64 -22.28 -29.41 -4.82
N MSE C 65 -21.27 -30.03 -4.20
CA MSE C 65 -21.23 -31.50 -4.09
C MSE C 65 -22.52 -31.99 -3.46
O MSE C 65 -23.01 -33.04 -3.89
CB MSE C 65 -20.08 -32.02 -3.24
CG MSE C 65 -19.87 -33.51 -3.43
SE MSE C 65 -19.15 -33.88 -5.24
CE MSE C 65 -17.46 -32.87 -5.25
N SER C 66 -23.08 -31.29 -2.48
CA SER C 66 -24.34 -31.74 -1.86
C SER C 66 -25.37 -31.85 -2.97
N THR C 67 -25.51 -30.81 -3.80
CA THR C 67 -26.56 -30.70 -4.83
C THR C 67 -26.34 -31.74 -5.91
N ILE C 68 -25.10 -31.89 -6.40
CA ILE C 68 -24.74 -32.98 -7.36
C ILE C 68 -25.31 -34.30 -6.82
N ARG C 69 -25.02 -34.59 -5.55
CA ARG C 69 -25.42 -35.83 -4.85
C ARG C 69 -26.94 -36.02 -4.96
N LEU C 70 -27.73 -35.00 -4.62
CA LEU C 70 -29.22 -35.06 -4.66
C LEU C 70 -29.68 -35.33 -6.10
N ILE C 71 -29.05 -34.70 -7.10
CA ILE C 71 -29.37 -34.93 -8.55
C ILE C 71 -29.22 -36.43 -8.82
N GLN C 72 -28.02 -36.96 -8.58
CA GLN C 72 -27.62 -38.39 -8.75
C GLN C 72 -28.62 -39.37 -8.14
N GLU C 73 -29.02 -39.18 -6.89
CA GLU C 73 -29.86 -40.15 -6.14
C GLU C 73 -31.25 -40.28 -6.78
N GLN C 74 -31.53 -39.60 -7.91
CA GLN C 74 -32.86 -39.61 -8.59
C GLN C 74 -32.80 -40.43 -9.89
N PRO D 9 26.65 39.04 9.49
CA PRO D 9 25.55 38.55 8.64
C PRO D 9 26.01 37.60 7.54
N ASP D 10 27.03 38.00 6.78
CA ASP D 10 27.68 37.17 5.73
C ASP D 10 27.81 35.74 6.28
N PHE D 11 28.24 35.59 7.53
CA PHE D 11 28.33 34.25 8.17
C PHE D 11 26.93 33.64 8.32
N ILE D 12 26.06 34.30 9.09
CA ILE D 12 24.73 33.76 9.43
C ILE D 12 23.95 33.48 8.13
N GLU D 13 24.02 34.37 7.14
CA GLU D 13 23.43 34.11 5.79
C GLU D 13 23.97 32.78 5.25
N ALA D 14 25.28 32.66 5.19
CA ALA D 14 26.02 31.50 4.64
C ALA D 14 25.59 30.21 5.33
N LEU D 15 25.50 30.22 6.68
CA LEU D 15 25.17 29.03 7.52
C LEU D 15 23.71 28.65 7.31
N THR D 16 22.86 29.67 7.21
CA THR D 16 21.40 29.51 7.15
C THR D 16 21.07 28.89 5.80
N GLU D 17 21.55 29.50 4.70
CA GLU D 17 21.27 29.00 3.34
C GLU D 17 21.84 27.59 3.23
N LYS D 18 23.08 27.38 3.66
CA LYS D 18 23.75 26.05 3.66
C LYS D 18 22.85 25.02 4.37
N ILE D 19 22.48 25.24 5.64
CA ILE D 19 21.77 24.23 6.46
C ILE D 19 20.51 23.81 5.70
N THR D 20 19.70 24.80 5.29
CA THR D 20 18.43 24.64 4.53
C THR D 20 18.58 23.75 3.29
N GLU D 21 19.42 24.13 2.31
CA GLU D 21 19.67 23.28 1.10
C GLU D 21 20.03 21.86 1.56
N GLU D 22 21.02 21.76 2.44
CA GLU D 22 21.70 20.51 2.81
C GLU D 22 20.70 19.55 3.46
N VAL D 23 19.94 20.03 4.44
CA VAL D 23 18.94 19.20 5.20
C VAL D 23 17.84 18.77 4.21
N THR D 24 17.28 19.74 3.48
CA THR D 24 16.24 19.53 2.45
C THR D 24 16.69 18.47 1.43
N ALA D 25 17.77 18.75 0.70
CA ALA D 25 18.35 17.84 -0.32
C ALA D 25 18.52 16.44 0.25
N LYS D 26 19.14 16.30 1.43
CA LYS D 26 19.51 14.99 1.99
C LYS D 26 18.28 14.28 2.59
N VAL D 27 17.33 15.00 3.19
CA VAL D 27 16.12 14.38 3.81
C VAL D 27 15.22 13.84 2.68
N THR D 28 14.93 14.66 1.68
CA THR D 28 14.18 14.29 0.44
C THR D 28 14.73 12.98 -0.13
N GLU D 29 16.04 12.97 -0.36
CA GLU D 29 16.81 11.84 -0.94
C GLU D 29 16.61 10.61 -0.07
N GLU D 30 16.89 10.71 1.24
CA GLU D 30 16.87 9.54 2.14
C GLU D 30 15.45 8.99 2.26
N LEU D 31 14.41 9.83 2.29
CA LEU D 31 13.00 9.36 2.36
C LEU D 31 12.60 8.76 1.00
N THR D 32 12.90 9.46 -0.11
CA THR D 32 12.71 8.99 -1.51
C THR D 32 13.28 7.58 -1.67
N LYS D 33 14.61 7.43 -1.62
CA LYS D 33 15.28 6.11 -1.58
C LYS D 33 14.42 5.14 -0.73
N GLN D 34 14.16 5.48 0.53
CA GLN D 34 13.39 4.64 1.48
C GLN D 34 11.97 4.36 0.96
N ASN D 35 11.33 5.33 0.30
CA ASN D 35 9.96 5.19 -0.25
C ASN D 35 10.00 4.21 -1.43
N MSE D 36 10.89 4.41 -2.41
CA MSE D 36 11.06 3.51 -3.58
C MSE D 36 11.05 2.06 -3.10
O MSE D 36 10.30 1.25 -3.69
CB MSE D 36 12.35 3.83 -4.35
CG MSE D 36 12.40 5.20 -5.02
SE MSE D 36 10.81 5.65 -6.12
CE MSE D 36 9.43 6.53 -5.03
N GLU D 37 11.84 1.75 -2.07
CA GLU D 37 11.98 0.38 -1.49
C GLU D 37 10.67 -0.12 -0.85
N PHE D 38 9.91 0.77 -0.17
CA PHE D 38 8.62 0.47 0.49
C PHE D 38 7.52 0.23 -0.56
N PHE D 39 7.35 1.20 -1.47
CA PHE D 39 6.33 1.21 -2.55
C PHE D 39 6.56 0.01 -3.49
N ALA D 40 7.80 -0.44 -3.62
CA ALA D 40 8.14 -1.65 -4.41
C ALA D 40 7.59 -2.87 -3.65
N ALA D 41 7.90 -2.98 -2.36
CA ALA D 41 7.49 -4.15 -1.53
C ALA D 41 5.96 -4.19 -1.48
N VAL D 42 5.31 -3.07 -1.18
CA VAL D 42 3.82 -3.00 -1.01
C VAL D 42 3.15 -3.39 -2.35
N ALA D 43 3.70 -3.00 -3.50
CA ALA D 43 3.18 -3.38 -4.83
C ALA D 43 3.35 -4.89 -5.06
N LYS D 44 4.46 -5.49 -4.59
CA LYS D 44 4.72 -6.94 -4.75
C LYS D 44 3.72 -7.74 -3.91
N GLN D 45 3.58 -7.47 -2.61
CA GLN D 45 2.67 -8.26 -1.73
C GLN D 45 1.23 -8.09 -2.26
N SER D 46 0.93 -6.94 -2.83
CA SER D 46 -0.31 -6.63 -3.56
C SER D 46 -0.47 -7.60 -4.75
N GLN D 47 0.48 -7.67 -5.70
CA GLN D 47 0.43 -8.58 -6.88
C GLN D 47 0.49 -10.05 -6.43
N ASP D 48 1.37 -10.37 -5.48
CA ASP D 48 1.44 -11.76 -4.92
C ASP D 48 0.01 -12.15 -4.50
N ASN D 49 -0.69 -11.25 -3.80
CA ASN D 49 -2.07 -11.46 -3.27
C ASN D 49 -3.02 -11.83 -4.43
N PHE D 50 -3.13 -10.99 -5.47
CA PHE D 50 -3.80 -11.29 -6.76
C PHE D 50 -3.34 -12.61 -7.36
N ASP D 51 -2.04 -12.90 -7.39
CA ASP D 51 -1.58 -14.18 -7.98
C ASP D 51 -2.20 -15.30 -7.15
N ARG D 52 -2.13 -15.18 -5.82
CA ARG D 52 -2.69 -16.15 -4.84
C ARG D 52 -4.16 -16.41 -5.17
N ILE D 53 -4.97 -15.36 -5.23
CA ILE D 53 -6.44 -15.47 -5.47
C ILE D 53 -6.60 -16.21 -6.79
N ASN D 54 -6.22 -15.58 -7.90
CA ASN D 54 -6.19 -16.15 -9.27
C ASN D 54 -5.91 -17.65 -9.24
N LYS D 55 -4.76 -18.06 -8.72
CA LYS D 55 -4.34 -19.48 -8.76
C LYS D 55 -5.39 -20.31 -8.01
N ARG D 56 -5.93 -19.78 -6.91
CA ARG D 56 -6.91 -20.52 -6.08
C ARG D 56 -8.22 -20.65 -6.86
N LEU D 57 -8.67 -19.57 -7.53
CA LEU D 57 -9.97 -19.61 -8.27
C LEU D 57 -9.79 -20.51 -9.49
N GLU D 58 -8.68 -20.37 -10.22
CA GLU D 58 -8.36 -21.25 -11.36
C GLU D 58 -8.58 -22.70 -10.91
N GLU D 59 -7.88 -23.11 -9.85
CA GLU D 59 -7.77 -24.52 -9.41
C GLU D 59 -9.15 -25.03 -9.01
N ARG D 60 -9.91 -24.22 -8.28
CA ARG D 60 -11.21 -24.69 -7.71
C ARG D 60 -12.24 -24.82 -8.84
N ASP D 61 -12.25 -23.89 -9.78
CA ASP D 61 -13.14 -23.95 -10.96
C ASP D 61 -12.78 -25.19 -11.79
N GLU D 62 -11.49 -25.48 -11.97
CA GLU D 62 -11.04 -26.70 -12.70
C GLU D 62 -11.55 -27.97 -11.98
N LYS D 63 -11.44 -28.02 -10.65
CA LYS D 63 -11.99 -29.12 -9.82
C LYS D 63 -13.53 -29.16 -9.88
N LEU D 64 -14.21 -28.01 -9.91
CA LEU D 64 -15.69 -27.94 -10.03
C LEU D 64 -16.13 -28.63 -11.31
N MSE D 65 -15.52 -28.27 -12.43
CA MSE D 65 -15.94 -28.74 -13.78
C MSE D 65 -15.60 -30.23 -13.89
O MSE D 65 -16.50 -30.99 -14.27
CB MSE D 65 -15.23 -27.97 -14.88
CG MSE D 65 -15.80 -28.21 -16.27
SE MSE D 65 -15.32 -26.78 -17.51
CE MSE D 65 -15.09 -25.11 -16.48
N SER D 66 -14.34 -30.58 -13.63
CA SER D 66 -13.83 -31.96 -13.67
C SER D 66 -14.74 -32.83 -12.81
N THR D 67 -15.21 -32.30 -11.68
CA THR D 67 -16.25 -32.96 -10.88
C THR D 67 -17.47 -33.17 -11.76
N ILE D 68 -18.19 -32.09 -12.03
CA ILE D 68 -19.48 -32.06 -12.79
C ILE D 68 -19.43 -33.11 -13.90
N ARG D 69 -18.54 -32.94 -14.88
CA ARG D 69 -18.39 -33.82 -16.08
C ARG D 69 -18.31 -35.27 -15.61
N LEU D 70 -17.25 -35.56 -14.85
CA LEU D 70 -16.89 -36.91 -14.33
C LEU D 70 -18.09 -37.55 -13.61
N ILE D 71 -18.87 -36.78 -12.84
CA ILE D 71 -20.03 -37.33 -12.08
C ILE D 71 -21.24 -37.41 -13.02
N GLN D 72 -21.28 -36.60 -14.07
CA GLN D 72 -22.45 -36.48 -14.99
C GLN D 72 -21.95 -36.44 -16.43
#